data_6EHV
#
_entry.id   6EHV
#
_cell.length_a   132.899
_cell.length_b   132.899
_cell.length_c   80.746
_cell.angle_alpha   90.00
_cell.angle_beta   90.00
_cell.angle_gamma   90.00
#
_symmetry.space_group_name_H-M   'I 41 2 2'
#
loop_
_entity.id
_entity.type
_entity.pdbx_description
1 polymer 'scFv AbVance: increasing our knowledge of antibody structural space to enable faster and better decision making in drug discovery'
2 water water
#
_entity_poly.entity_id   1
_entity_poly.type   'polypeptide(L)'
_entity_poly.pdbx_seq_one_letter_code
;QVQLVQSGPEVKKPGASVKVSCKTSGFNFNTYAITWVRQAPGQGLEYMGWFNVYDGKTSYAWDFKDRVIMTADKSTTTAY
MTLRNLRSDDTAVYYCARDSWERFFEHWGKGTLVTVSSGGGGSGGGGSGGGGSALETTLTQSPGTLSLSPGERATLSCRA
SQTVSGSYLAWYQQKPGQAPRLLIYGASTRATGIPDRFSGSGSGTDFTLTISRLEPEDFAVYYCQQYGNSPPNTFGQGTR
LEIKRAAAENLYFQ
;
_entity_poly.pdbx_strand_id   X
#
# COMPACT_ATOMS: atom_id res chain seq x y z
N VAL A 2 6.26 2.86 -17.74
CA VAL A 2 6.17 3.48 -16.41
C VAL A 2 5.93 2.43 -15.27
N GLN A 3 5.81 1.13 -15.66
CA GLN A 3 5.57 -0.04 -14.80
C GLN A 3 6.87 -0.72 -14.33
N LEU A 4 6.79 -1.52 -13.24
CA LEU A 4 7.94 -2.22 -12.64
C LEU A 4 7.76 -3.74 -12.49
N VAL A 5 8.89 -4.48 -12.60
CA VAL A 5 8.97 -5.96 -12.57
C VAL A 5 9.73 -6.47 -11.34
N GLN A 6 9.02 -7.25 -10.51
CA GLN A 6 9.57 -7.86 -9.31
C GLN A 6 10.27 -9.18 -9.66
N SER A 7 11.03 -9.77 -8.73
CA SER A 7 11.72 -11.05 -8.95
C SER A 7 10.74 -12.23 -8.88
N GLY A 8 11.23 -13.41 -8.53
CA GLY A 8 10.42 -14.62 -8.41
C GLY A 8 9.99 -14.93 -6.99
N PRO A 9 8.88 -15.70 -6.81
CA PRO A 9 8.42 -16.05 -5.45
C PRO A 9 9.30 -17.07 -4.74
N GLU A 10 9.44 -16.94 -3.41
CA GLU A 10 10.26 -17.83 -2.59
C GLU A 10 9.42 -18.72 -1.64
N VAL A 11 10.00 -19.87 -1.31
CA VAL A 11 9.45 -20.91 -0.44
C VAL A 11 10.54 -21.23 0.61
N LYS A 12 11.05 -20.18 1.27
CA LYS A 12 12.12 -20.28 2.27
C LYS A 12 11.68 -20.96 3.58
N LYS A 13 12.69 -21.25 4.42
CA LYS A 13 12.57 -21.94 5.71
C LYS A 13 12.82 -20.98 6.89
N PRO A 14 12.11 -21.15 8.05
CA PRO A 14 12.29 -20.25 9.20
C PRO A 14 13.73 -20.02 9.71
N GLY A 15 13.98 -18.82 10.22
CA GLY A 15 15.28 -18.44 10.74
C GLY A 15 16.18 -17.85 9.67
N ALA A 16 16.02 -18.33 8.40
CA ALA A 16 16.77 -17.89 7.22
C ALA A 16 16.29 -16.51 6.72
N SER A 17 16.69 -16.13 5.49
CA SER A 17 16.34 -14.83 4.91
C SER A 17 15.89 -14.90 3.44
N VAL A 18 14.91 -14.06 3.08
CA VAL A 18 14.37 -13.93 1.72
C VAL A 18 15.04 -12.76 1.02
N LYS A 19 15.12 -12.79 -0.31
CA LYS A 19 15.72 -11.70 -1.09
C LYS A 19 14.93 -11.41 -2.36
N VAL A 20 13.95 -10.50 -2.23
CA VAL A 20 13.06 -10.08 -3.31
C VAL A 20 13.67 -8.86 -4.01
N SER A 21 13.63 -8.86 -5.36
CA SER A 21 14.17 -7.81 -6.21
C SER A 21 13.06 -6.97 -6.87
N CYS A 22 13.41 -5.79 -7.45
CA CYS A 22 12.47 -4.89 -8.09
C CYS A 22 13.08 -4.02 -9.21
N LYS A 23 13.07 -4.52 -10.45
CA LYS A 23 13.56 -3.81 -11.64
C LYS A 23 12.45 -2.85 -12.14
N THR A 24 12.83 -1.66 -12.66
CA THR A 24 11.87 -0.67 -13.18
C THR A 24 12.23 -0.16 -14.58
N SER A 25 11.26 0.50 -15.24
CA SER A 25 11.37 1.11 -16.57
C SER A 25 10.16 2.04 -16.75
N GLY A 26 10.43 3.34 -16.90
CA GLY A 26 9.40 4.36 -17.08
C GLY A 26 9.93 5.78 -17.10
N PHE A 27 10.56 6.19 -15.99
CA PHE A 27 11.22 7.49 -15.83
C PHE A 27 12.12 7.52 -14.60
N ASN A 28 13.26 8.23 -14.72
CA ASN A 28 14.36 8.43 -13.75
C ASN A 28 14.10 7.78 -12.38
N PHE A 29 14.54 6.51 -12.25
CA PHE A 29 14.49 5.66 -11.05
C PHE A 29 15.17 6.37 -9.88
N ASN A 30 16.20 7.19 -10.21
CA ASN A 30 17.03 7.99 -9.32
C ASN A 30 16.23 8.87 -8.35
N THR A 31 15.59 9.94 -8.87
CA THR A 31 14.79 10.89 -8.09
C THR A 31 13.57 10.24 -7.40
N TYR A 32 13.08 9.10 -7.91
CA TYR A 32 11.89 8.45 -7.36
C TYR A 32 12.20 7.52 -6.21
N ALA A 33 11.30 7.52 -5.21
CA ALA A 33 11.35 6.70 -4.00
C ALA A 33 10.72 5.31 -4.25
N ILE A 34 11.22 4.28 -3.54
CA ILE A 34 10.75 2.90 -3.65
C ILE A 34 10.39 2.33 -2.28
N THR A 35 9.20 1.71 -2.17
CA THR A 35 8.69 1.14 -0.93
C THR A 35 8.50 -0.37 -1.02
N TRP A 36 8.49 -1.00 0.14
CA TRP A 36 8.17 -2.40 0.30
C TRP A 36 7.01 -2.48 1.27
N VAL A 37 5.88 -3.01 0.79
CA VAL A 37 4.63 -3.20 1.53
C VAL A 37 4.33 -4.70 1.45
N ARG A 38 3.86 -5.27 2.56
CA ARG A 38 3.54 -6.69 2.59
C ARG A 38 2.09 -6.87 2.95
N GLN A 39 1.54 -8.02 2.60
CA GLN A 39 0.15 -8.32 2.91
C GLN A 39 0.04 -9.75 3.43
N ALA A 40 -0.09 -9.91 4.78
CA ALA A 40 -0.25 -11.19 5.47
C ALA A 40 -1.55 -11.92 5.03
N PRO A 41 -1.67 -13.27 5.15
CA PRO A 41 -2.89 -13.95 4.66
C PRO A 41 -4.14 -13.47 5.38
N GLY A 42 -5.11 -13.00 4.58
CA GLY A 42 -6.36 -12.43 5.06
C GLY A 42 -6.11 -11.31 6.04
N GLN A 43 -5.21 -10.39 5.67
CA GLN A 43 -4.78 -9.28 6.51
C GLN A 43 -4.58 -7.99 5.70
N GLY A 44 -4.30 -6.92 6.41
CA GLY A 44 -4.08 -5.61 5.84
C GLY A 44 -2.69 -5.47 5.26
N LEU A 45 -2.39 -4.25 4.85
CA LEU A 45 -1.12 -3.91 4.24
C LEU A 45 -0.20 -3.28 5.29
N GLU A 46 1.01 -3.79 5.40
CA GLU A 46 2.02 -3.29 6.32
C GLU A 46 3.20 -2.74 5.51
N TYR A 47 3.55 -1.47 5.73
CA TYR A 47 4.71 -0.84 5.13
C TYR A 47 5.92 -1.23 5.98
N MET A 48 7.07 -1.47 5.32
CA MET A 48 8.32 -1.84 5.98
C MET A 48 9.40 -0.78 5.83
N GLY A 49 9.68 -0.37 4.59
CA GLY A 49 10.72 0.62 4.32
C GLY A 49 10.59 1.35 3.01
N TRP A 50 11.39 2.42 2.86
CA TRP A 50 11.46 3.41 1.78
C TRP A 50 12.90 3.44 1.21
N PHE A 51 13.12 4.01 0.00
CA PHE A 51 14.45 4.12 -0.60
C PHE A 51 14.55 5.12 -1.74
N ASN A 52 15.63 5.90 -1.79
CA ASN A 52 15.85 6.86 -2.86
C ASN A 52 17.07 6.47 -3.73
N VAL A 53 18.11 7.33 -3.72
CA VAL A 53 19.42 7.20 -4.37
C VAL A 53 20.48 7.66 -3.40
N TYR A 54 20.03 8.33 -2.31
CA TYR A 54 20.85 8.83 -1.22
C TYR A 54 21.56 7.68 -0.55
N ASP A 55 21.00 6.44 -0.68
CA ASP A 55 21.47 5.15 -0.18
C ASP A 55 21.50 5.06 1.35
N GLY A 56 21.66 6.20 2.02
CA GLY A 56 21.62 6.36 3.46
C GLY A 56 20.22 6.77 3.89
N LYS A 57 19.31 6.82 2.90
CA LYS A 57 17.89 7.12 3.05
C LYS A 57 17.12 5.79 3.07
N THR A 58 17.64 4.82 3.85
CA THR A 58 17.06 3.49 4.03
C THR A 58 15.68 3.60 4.68
N SER A 59 15.60 4.03 5.96
CA SER A 59 14.39 4.26 6.75
C SER A 59 13.39 3.07 6.83
N TYR A 60 13.13 2.60 8.05
CA TYR A 60 12.23 1.50 8.35
C TYR A 60 11.26 1.86 9.49
N ALA A 61 10.12 1.13 9.59
CA ALA A 61 9.11 1.30 10.65
C ALA A 61 9.66 0.78 11.99
N TRP A 62 9.09 1.23 13.14
CA TRP A 62 9.51 0.76 14.48
C TRP A 62 9.64 -0.78 14.56
N ASP A 63 8.59 -1.51 14.11
CA ASP A 63 8.59 -2.96 13.96
C ASP A 63 9.34 -3.18 12.64
N PHE A 64 10.16 -4.25 12.53
CA PHE A 64 10.99 -4.59 11.35
C PHE A 64 12.41 -4.06 11.44
N LYS A 65 12.66 -3.04 12.29
CA LYS A 65 14.00 -2.46 12.45
C LYS A 65 15.00 -3.49 12.95
N ASP A 66 16.16 -3.56 12.25
CA ASP A 66 17.28 -4.51 12.41
C ASP A 66 16.80 -5.95 12.16
N ARG A 67 16.23 -6.14 10.96
CA ARG A 67 15.69 -7.39 10.44
C ARG A 67 15.43 -7.24 8.95
N VAL A 68 15.10 -6.01 8.53
CA VAL A 68 14.83 -5.67 7.13
C VAL A 68 16.01 -4.85 6.60
N ILE A 69 16.57 -5.28 5.46
CA ILE A 69 17.68 -4.63 4.79
C ILE A 69 17.15 -4.06 3.46
N MET A 70 17.37 -2.76 3.26
CA MET A 70 16.92 -2.08 2.07
C MET A 70 18.10 -1.71 1.19
N THR A 71 18.04 -2.12 -0.10
CA THR A 71 19.07 -1.83 -1.10
C THR A 71 18.47 -1.43 -2.44
N ALA A 72 19.28 -0.78 -3.27
CA ALA A 72 18.91 -0.31 -4.60
C ALA A 72 20.19 -0.07 -5.40
N ASP A 73 20.14 -0.34 -6.71
CA ASP A 73 21.26 -0.14 -7.62
C ASP A 73 20.82 0.88 -8.67
N LYS A 74 21.48 2.03 -8.68
CA LYS A 74 21.19 3.17 -9.57
C LYS A 74 21.39 2.84 -11.04
N SER A 75 22.43 2.04 -11.37
CA SER A 75 22.76 1.65 -12.74
C SER A 75 21.81 0.63 -13.36
N THR A 76 21.56 -0.52 -12.68
CA THR A 76 20.66 -1.55 -13.20
C THR A 76 19.16 -1.33 -12.82
N THR A 77 18.84 -0.18 -12.15
CA THR A 77 17.49 0.25 -11.73
C THR A 77 16.73 -0.84 -10.93
N THR A 78 17.47 -1.60 -10.10
CA THR A 78 16.89 -2.68 -9.32
C THR A 78 17.00 -2.43 -7.82
N ALA A 79 15.83 -2.41 -7.15
CA ALA A 79 15.67 -2.23 -5.72
C ALA A 79 15.53 -3.61 -5.09
N TYR A 80 15.82 -3.74 -3.78
CA TYR A 80 15.78 -5.04 -3.11
C TYR A 80 15.25 -4.98 -1.68
N MET A 81 14.80 -6.13 -1.18
CA MET A 81 14.24 -6.30 0.15
C MET A 81 14.66 -7.65 0.73
N THR A 82 15.34 -7.62 1.89
CA THR A 82 15.82 -8.81 2.58
C THR A 82 15.34 -8.82 4.05
N LEU A 83 14.55 -9.84 4.41
CA LEU A 83 13.99 -10.03 5.73
C LEU A 83 14.68 -11.26 6.38
N ARG A 84 15.42 -11.05 7.50
CA ARG A 84 16.10 -12.11 8.27
C ARG A 84 15.10 -12.81 9.23
N ASN A 85 15.55 -13.87 9.94
CA ASN A 85 14.87 -14.66 10.98
C ASN A 85 13.35 -14.78 10.77
N LEU A 86 12.99 -15.33 9.61
CA LEU A 86 11.60 -15.51 9.17
C LEU A 86 10.79 -16.44 10.06
N ARG A 87 9.46 -16.18 10.19
CA ARG A 87 8.51 -16.99 10.96
C ARG A 87 7.10 -17.07 10.29
N SER A 88 6.21 -17.91 10.84
CA SER A 88 4.83 -18.16 10.37
C SER A 88 4.02 -16.88 10.04
N ASP A 89 4.16 -15.85 10.88
CA ASP A 89 3.52 -14.53 10.74
C ASP A 89 4.15 -13.67 9.59
N ASP A 90 5.30 -14.11 9.03
CA ASP A 90 5.99 -13.43 7.94
C ASP A 90 5.60 -14.02 6.58
N THR A 91 4.61 -14.94 6.57
CA THR A 91 4.09 -15.52 5.34
C THR A 91 3.18 -14.45 4.76
N ALA A 92 3.52 -13.93 3.57
CA ALA A 92 2.76 -12.86 2.90
C ALA A 92 3.22 -12.63 1.47
N VAL A 93 2.44 -11.85 0.71
CA VAL A 93 2.77 -11.38 -0.64
C VAL A 93 3.54 -10.07 -0.37
N TYR A 94 4.76 -9.95 -0.92
CA TYR A 94 5.62 -8.80 -0.70
C TYR A 94 5.64 -7.91 -1.92
N TYR A 95 4.97 -6.76 -1.80
CA TYR A 95 4.82 -5.79 -2.85
C TYR A 95 5.91 -4.74 -2.85
N CYS A 96 6.24 -4.29 -4.06
CA CYS A 96 7.17 -3.24 -4.37
C CYS A 96 6.32 -2.13 -5.03
N ALA A 97 6.49 -0.87 -4.58
CA ALA A 97 5.69 0.25 -5.10
C ALA A 97 6.45 1.56 -5.15
N ARG A 98 6.16 2.37 -6.18
CA ARG A 98 6.81 3.65 -6.37
C ARG A 98 6.26 4.68 -5.41
N ASP A 99 7.18 5.28 -4.62
CA ASP A 99 7.03 6.37 -3.65
C ASP A 99 6.53 5.95 -2.29
N SER A 100 6.97 6.64 -1.20
CA SER A 100 6.54 6.39 0.18
C SER A 100 6.14 7.67 0.94
N TRP A 101 7.03 8.24 1.79
CA TRP A 101 6.76 9.47 2.57
C TRP A 101 6.63 10.67 1.66
N GLU A 102 5.54 11.45 1.83
CA GLU A 102 5.22 12.67 1.07
C GLU A 102 4.73 12.39 -0.35
N ARG A 103 4.69 11.11 -0.73
CA ARG A 103 4.28 10.73 -2.08
C ARG A 103 3.53 9.38 -2.09
N PHE A 104 2.26 9.46 -2.53
CA PHE A 104 1.28 8.41 -2.78
C PHE A 104 1.89 7.29 -3.63
N PHE A 105 1.44 6.05 -3.42
CA PHE A 105 1.93 4.87 -4.16
C PHE A 105 1.01 4.69 -5.36
N GLU A 106 1.36 5.33 -6.49
CA GLU A 106 0.56 5.33 -7.71
C GLU A 106 0.89 4.15 -8.66
N HIS A 107 2.13 3.63 -8.57
CA HIS A 107 2.61 2.47 -9.33
C HIS A 107 3.03 1.37 -8.35
N TRP A 108 2.52 0.13 -8.56
CA TRP A 108 2.79 -1.06 -7.74
C TRP A 108 3.19 -2.24 -8.63
N GLY A 109 3.99 -3.13 -8.08
CA GLY A 109 4.39 -4.39 -8.71
C GLY A 109 3.29 -5.42 -8.49
N LYS A 110 3.38 -6.59 -9.14
CA LYS A 110 2.36 -7.62 -8.98
C LYS A 110 2.47 -8.39 -7.66
N GLY A 111 3.62 -8.25 -6.97
CA GLY A 111 3.90 -8.84 -5.66
C GLY A 111 4.25 -10.31 -5.64
N THR A 112 5.47 -10.65 -5.24
CA THR A 112 5.91 -12.03 -5.15
C THR A 112 5.67 -12.59 -3.75
N LEU A 113 5.05 -13.80 -3.70
CA LEU A 113 4.68 -14.54 -2.50
C LEU A 113 5.84 -15.19 -1.77
N VAL A 114 5.84 -15.07 -0.45
CA VAL A 114 6.83 -15.64 0.46
C VAL A 114 6.08 -16.48 1.48
N THR A 115 6.48 -17.74 1.63
CA THR A 115 5.82 -18.64 2.58
C THR A 115 6.86 -19.30 3.49
N VAL A 116 6.60 -19.24 4.81
CA VAL A 116 7.46 -19.76 5.87
C VAL A 116 6.81 -20.99 6.51
N SER A 117 7.56 -22.10 6.58
CA SER A 117 7.18 -23.38 7.19
C SER A 117 8.41 -24.26 7.34
N GLU A 136 3.23 7.12 19.31
CA GLU A 136 3.91 6.70 18.09
C GLU A 136 2.91 6.57 16.91
N THR A 137 2.82 5.37 16.29
CA THR A 137 2.00 4.97 15.12
C THR A 137 0.68 5.75 14.94
N THR A 138 0.47 6.28 13.73
CA THR A 138 -0.80 6.94 13.41
C THR A 138 -1.72 5.81 12.99
N LEU A 139 -2.63 5.42 13.88
CA LEU A 139 -3.58 4.34 13.65
C LEU A 139 -4.78 4.80 12.80
N THR A 140 -5.06 4.06 11.72
CA THR A 140 -6.13 4.34 10.76
C THR A 140 -7.27 3.26 10.88
N GLN A 141 -8.50 3.71 11.20
CA GLN A 141 -9.69 2.86 11.40
C GLN A 141 -10.81 3.14 10.36
N SER A 142 -11.15 2.12 9.49
CA SER A 142 -12.15 2.12 8.39
C SER A 142 -13.57 1.54 8.77
N PRO A 143 -14.72 1.69 7.98
CA PRO A 143 -16.04 1.15 8.42
C PRO A 143 -16.65 -0.21 7.88
N GLY A 144 -15.94 -1.35 8.08
CA GLY A 144 -16.37 -2.76 7.92
C GLY A 144 -16.49 -3.54 6.63
N THR A 145 -17.67 -4.15 6.44
CA THR A 145 -18.18 -4.91 5.30
C THR A 145 -19.45 -4.16 4.93
N LEU A 146 -19.61 -3.88 3.65
CA LEU A 146 -20.77 -3.13 3.17
C LEU A 146 -21.38 -3.86 1.99
N SER A 147 -22.71 -4.05 2.03
CA SER A 147 -23.41 -4.72 0.95
C SER A 147 -24.41 -3.76 0.27
N LEU A 148 -24.07 -3.30 -0.95
CA LEU A 148 -24.90 -2.39 -1.77
C LEU A 148 -25.06 -2.91 -3.21
N SER A 149 -26.05 -2.41 -3.93
CA SER A 149 -26.32 -2.81 -5.32
C SER A 149 -25.78 -1.79 -6.34
N PRO A 150 -25.42 -2.22 -7.57
CA PRO A 150 -25.04 -1.22 -8.60
C PRO A 150 -26.10 -0.11 -8.73
N GLY A 151 -25.63 1.14 -8.80
CA GLY A 151 -26.50 2.30 -8.89
C GLY A 151 -26.56 3.10 -7.60
N GLU A 152 -26.26 2.44 -6.46
CA GLU A 152 -26.26 3.09 -5.13
C GLU A 152 -25.00 3.91 -4.84
N ARG A 153 -24.98 4.59 -3.68
CA ARG A 153 -23.88 5.46 -3.23
C ARG A 153 -23.24 4.83 -2.00
N ALA A 154 -21.92 4.69 -2.05
CA ALA A 154 -21.14 4.13 -0.95
C ALA A 154 -20.34 5.24 -0.23
N THR A 155 -20.59 5.38 1.10
CA THR A 155 -19.87 6.34 1.93
C THR A 155 -18.93 5.59 2.88
N LEU A 156 -17.63 5.64 2.56
CA LEU A 156 -16.60 4.94 3.34
C LEU A 156 -15.83 5.94 4.24
N SER A 157 -15.56 5.54 5.50
CA SER A 157 -14.92 6.34 6.56
C SER A 157 -13.47 5.99 6.88
N CYS A 158 -12.81 6.93 7.55
CA CYS A 158 -11.44 6.77 8.01
C CYS A 158 -11.25 7.63 9.21
N ARG A 159 -11.03 6.99 10.36
CA ARG A 159 -10.78 7.70 11.61
C ARG A 159 -9.31 7.51 11.92
N ALA A 160 -8.57 8.62 12.00
CA ALA A 160 -7.15 8.62 12.31
C ALA A 160 -7.01 8.88 13.79
N SER A 161 -6.10 8.14 14.47
CA SER A 161 -5.82 8.27 15.92
C SER A 161 -5.39 9.69 16.28
N GLN A 162 -4.77 10.40 15.33
CA GLN A 162 -4.36 11.80 15.47
C GLN A 162 -4.70 12.56 14.19
N THR A 163 -4.61 13.91 14.20
CA THR A 163 -4.94 14.69 13.00
C THR A 163 -3.82 14.51 11.92
N VAL A 164 -4.25 14.36 10.65
CA VAL A 164 -3.44 14.15 9.45
C VAL A 164 -3.65 15.33 8.51
N SER A 165 -2.54 15.87 7.98
CA SER A 165 -2.38 17.00 7.08
C SER A 165 -3.54 17.33 6.15
N GLY A 166 -3.74 16.47 5.17
CA GLY A 166 -4.69 16.68 4.08
C GLY A 166 -3.92 16.35 2.82
N SER A 167 -2.66 16.81 2.76
CA SER A 167 -1.74 16.54 1.68
C SER A 167 -1.30 15.06 1.67
N TYR A 168 -1.46 14.38 2.81
CA TYR A 168 -0.95 13.04 3.04
C TYR A 168 -1.98 11.92 3.34
N LEU A 169 -3.20 12.04 2.79
CA LEU A 169 -4.25 11.00 2.92
C LEU A 169 -4.54 10.49 1.50
N ALA A 170 -4.51 9.17 1.30
CA ALA A 170 -4.71 8.53 -0.01
C ALA A 170 -5.57 7.25 0.07
N TRP A 171 -6.42 7.05 -0.93
CA TRP A 171 -7.31 5.90 -1.06
C TRP A 171 -6.84 4.93 -2.14
N TYR A 172 -6.92 3.63 -1.83
CA TYR A 172 -6.51 2.52 -2.71
C TYR A 172 -7.66 1.52 -2.89
N GLN A 173 -7.80 0.97 -4.11
CA GLN A 173 -8.77 -0.08 -4.42
C GLN A 173 -7.97 -1.36 -4.67
N GLN A 174 -8.45 -2.51 -4.12
CA GLN A 174 -7.79 -3.80 -4.30
C GLN A 174 -8.77 -4.93 -4.60
N LYS A 175 -8.55 -5.57 -5.76
CA LYS A 175 -9.34 -6.73 -6.20
C LYS A 175 -8.53 -7.98 -5.88
N PRO A 176 -9.19 -9.10 -5.48
CA PRO A 176 -8.40 -10.29 -5.10
C PRO A 176 -7.60 -10.87 -6.26
N GLY A 177 -6.31 -11.09 -6.00
CA GLY A 177 -5.35 -11.63 -6.95
C GLY A 177 -4.44 -10.61 -7.60
N GLN A 178 -4.68 -9.31 -7.32
CA GLN A 178 -3.90 -8.22 -7.90
C GLN A 178 -3.50 -7.17 -6.84
N ALA A 179 -2.67 -6.20 -7.26
CA ALA A 179 -2.11 -5.16 -6.40
C ALA A 179 -3.02 -3.96 -6.17
N PRO A 180 -2.85 -3.20 -5.05
CA PRO A 180 -3.70 -2.02 -4.86
C PRO A 180 -3.45 -0.97 -5.95
N ARG A 181 -4.50 -0.24 -6.27
CA ARG A 181 -4.56 0.78 -7.29
C ARG A 181 -4.87 2.09 -6.57
N LEU A 182 -4.00 3.13 -6.72
CA LEU A 182 -4.22 4.43 -6.10
C LEU A 182 -5.40 5.10 -6.79
N LEU A 183 -6.40 5.46 -6.00
CA LEU A 183 -7.67 6.09 -6.40
C LEU A 183 -7.59 7.59 -6.09
N ILE A 184 -7.42 7.92 -4.81
CA ILE A 184 -7.32 9.29 -4.32
C ILE A 184 -5.95 9.52 -3.67
N TYR A 185 -5.36 10.70 -3.87
CA TYR A 185 -4.14 11.16 -3.22
C TYR A 185 -4.40 12.60 -2.78
N GLY A 186 -3.71 13.05 -1.73
CA GLY A 186 -3.88 14.41 -1.21
C GLY A 186 -5.30 14.69 -0.75
N ALA A 187 -5.94 13.67 -0.14
CA ALA A 187 -7.29 13.60 0.42
C ALA A 187 -8.45 13.77 -0.57
N SER A 188 -8.28 14.58 -1.63
CA SER A 188 -9.37 14.84 -2.57
C SER A 188 -8.98 14.84 -4.07
N THR A 189 -7.69 14.61 -4.41
CA THR A 189 -7.29 14.61 -5.82
C THR A 189 -7.27 13.19 -6.38
N ARG A 190 -8.02 12.98 -7.48
CA ARG A 190 -8.13 11.69 -8.17
C ARG A 190 -6.86 11.36 -8.85
N ALA A 191 -6.47 10.09 -8.81
CA ALA A 191 -5.26 9.64 -9.49
C ALA A 191 -5.54 9.52 -11.01
N THR A 192 -4.62 8.93 -11.76
CA THR A 192 -4.79 8.81 -13.20
C THR A 192 -5.77 7.68 -13.55
N GLY A 193 -6.70 8.00 -14.46
CA GLY A 193 -7.75 7.10 -14.93
C GLY A 193 -8.96 6.98 -14.01
N ILE A 194 -8.96 7.70 -12.88
CA ILE A 194 -10.00 7.60 -11.87
C ILE A 194 -11.22 8.49 -12.20
N PRO A 195 -12.46 7.91 -12.21
CA PRO A 195 -13.64 8.71 -12.58
C PRO A 195 -14.14 9.59 -11.45
N ASP A 196 -14.99 10.56 -11.80
CA ASP A 196 -15.60 11.54 -10.91
C ASP A 196 -16.52 10.92 -9.87
N ARG A 197 -17.08 9.71 -10.15
CA ARG A 197 -17.96 8.99 -9.24
C ARG A 197 -17.25 8.62 -7.92
N PHE A 198 -15.90 8.63 -7.94
CA PHE A 198 -15.02 8.42 -6.77
C PHE A 198 -14.61 9.81 -6.31
N SER A 199 -15.13 10.25 -5.14
CA SER A 199 -14.85 11.58 -4.60
C SER A 199 -14.19 11.46 -3.22
N GLY A 200 -13.17 12.32 -3.02
CA GLY A 200 -12.31 12.36 -1.85
C GLY A 200 -12.63 13.23 -0.63
N SER A 201 -12.24 12.65 0.50
CA SER A 201 -12.26 12.97 1.93
C SER A 201 -12.40 14.42 2.33
N GLY A 202 -11.49 14.84 3.21
CA GLY A 202 -11.29 16.17 3.79
C GLY A 202 -11.43 16.17 5.30
N SER A 203 -10.43 16.72 6.05
CA SER A 203 -10.36 16.96 7.52
C SER A 203 -8.99 16.73 8.19
N GLY A 204 -9.06 16.30 9.46
CA GLY A 204 -7.92 16.01 10.29
C GLY A 204 -7.95 14.56 10.74
N THR A 205 -9.08 14.11 11.23
CA THR A 205 -9.27 12.74 11.68
C THR A 205 -10.38 12.03 10.90
N ASP A 206 -11.36 12.78 10.37
CA ASP A 206 -12.51 12.23 9.66
C ASP A 206 -12.43 12.35 8.16
N PHE A 207 -12.00 11.26 7.51
CA PHE A 207 -11.85 11.20 6.07
C PHE A 207 -12.93 10.33 5.43
N THR A 208 -13.41 10.71 4.24
CA THR A 208 -14.50 10.01 3.54
C THR A 208 -14.15 9.68 2.07
N LEU A 209 -14.56 8.50 1.60
CA LEU A 209 -14.45 8.13 0.19
C LEU A 209 -15.89 7.86 -0.22
N THR A 210 -16.42 8.67 -1.16
CA THR A 210 -17.77 8.53 -1.68
C THR A 210 -17.77 7.98 -3.09
N ILE A 211 -18.38 6.79 -3.27
CA ILE A 211 -18.52 6.20 -4.61
C ILE A 211 -19.98 6.26 -5.03
N SER A 212 -20.29 7.25 -5.88
CA SER A 212 -21.62 7.49 -6.42
C SER A 212 -21.77 6.63 -7.67
N ARG A 213 -23.01 6.52 -8.24
CA ARG A 213 -23.31 5.77 -9.49
C ARG A 213 -22.62 4.37 -9.54
N LEU A 214 -22.57 3.66 -8.39
CA LEU A 214 -21.92 2.37 -8.15
C LEU A 214 -21.99 1.38 -9.31
N GLU A 215 -20.82 1.06 -9.86
CA GLU A 215 -20.68 0.16 -10.99
C GLU A 215 -20.20 -1.24 -10.53
N PRO A 216 -20.53 -2.35 -11.26
CA PRO A 216 -20.08 -3.69 -10.81
C PRO A 216 -18.58 -3.85 -10.63
N GLU A 217 -17.79 -3.09 -11.39
CA GLU A 217 -16.32 -3.10 -11.37
C GLU A 217 -15.75 -2.43 -10.09
N ASP A 218 -16.56 -1.60 -9.39
CA ASP A 218 -16.20 -0.90 -8.15
C ASP A 218 -16.31 -1.80 -6.90
N PHE A 219 -16.74 -3.05 -7.07
CA PHE A 219 -16.86 -3.95 -5.95
C PHE A 219 -15.53 -4.66 -5.68
N ALA A 220 -14.76 -4.11 -4.72
CA ALA A 220 -13.47 -4.59 -4.27
C ALA A 220 -13.30 -4.34 -2.75
N VAL A 221 -12.04 -4.27 -2.27
CA VAL A 221 -11.70 -3.92 -0.89
C VAL A 221 -11.11 -2.54 -0.98
N TYR A 222 -11.50 -1.64 -0.08
CA TYR A 222 -10.99 -0.28 -0.10
C TYR A 222 -10.16 0.03 1.11
N TYR A 223 -8.91 0.53 0.87
CA TYR A 223 -7.94 0.95 1.88
C TYR A 223 -7.64 2.45 1.87
N CYS A 224 -7.49 3.01 3.06
CA CYS A 224 -7.03 4.37 3.20
C CYS A 224 -5.60 4.30 3.80
N GLN A 225 -4.77 5.31 3.48
CA GLN A 225 -3.40 5.41 3.91
C GLN A 225 -3.04 6.84 4.41
N GLN A 226 -2.08 6.89 5.31
CA GLN A 226 -1.49 8.07 5.94
C GLN A 226 0.01 7.96 5.49
N TYR A 227 0.48 8.87 4.63
CA TYR A 227 1.87 8.77 4.14
C TYR A 227 2.73 10.03 4.43
N GLY A 228 2.26 10.86 5.34
CA GLY A 228 2.97 12.07 5.73
C GLY A 228 3.27 12.05 7.19
N ASN A 229 4.56 11.86 7.47
CA ASN A 229 5.17 11.75 8.78
C ASN A 229 4.66 10.55 9.56
N SER A 230 5.37 10.28 10.66
CA SER A 230 5.31 9.14 11.57
C SER A 230 6.04 8.01 10.86
N PRO A 231 7.18 7.56 11.44
CA PRO A 231 7.95 6.46 10.84
C PRO A 231 7.13 5.24 10.39
N PRO A 232 6.02 4.81 11.07
CA PRO A 232 5.31 3.63 10.58
C PRO A 232 4.74 3.73 9.18
N ASN A 233 4.24 4.92 8.71
CA ASN A 233 3.64 5.07 7.37
C ASN A 233 2.52 4.03 7.24
N THR A 234 1.35 4.32 7.82
CA THR A 234 0.24 3.38 8.04
C THR A 234 -0.94 3.34 7.02
N PHE A 235 -1.65 2.20 7.05
CA PHE A 235 -2.82 1.87 6.24
C PHE A 235 -3.94 1.48 7.18
N GLY A 236 -5.18 1.61 6.71
CA GLY A 236 -6.34 1.13 7.45
C GLY A 236 -6.48 -0.37 7.27
N GLN A 237 -7.43 -0.99 8.01
CA GLN A 237 -7.74 -2.43 8.04
C GLN A 237 -8.46 -2.96 6.75
N GLY A 238 -9.05 -2.04 5.98
CA GLY A 238 -9.80 -2.34 4.77
C GLY A 238 -11.30 -2.48 4.94
N THR A 239 -12.07 -1.95 3.97
CA THR A 239 -13.53 -2.08 3.91
C THR A 239 -13.91 -2.92 2.66
N ARG A 240 -14.61 -4.02 2.86
CA ARG A 240 -15.07 -4.89 1.77
C ARG A 240 -16.34 -4.30 1.17
N LEU A 241 -16.27 -3.84 -0.08
CA LEU A 241 -17.43 -3.30 -0.77
C LEU A 241 -18.00 -4.45 -1.61
N GLU A 242 -19.10 -5.06 -1.11
CA GLU A 242 -19.81 -6.19 -1.72
C GLU A 242 -21.16 -5.87 -2.37
N ILE A 243 -21.59 -6.77 -3.26
CA ILE A 243 -22.86 -6.71 -4.00
C ILE A 243 -23.96 -7.44 -3.16
N LYS A 244 -25.15 -6.80 -2.95
CA LYS A 244 -26.31 -7.33 -2.17
C LYS A 244 -26.82 -8.76 -2.54
N ARG A 245 -27.31 -9.56 -1.52
CA ARG A 245 -27.93 -10.92 -1.54
C ARG A 245 -26.94 -12.15 -1.59
N ALA A 246 -27.21 -13.25 -0.79
CA ALA A 246 -26.49 -14.53 -0.46
C ALA A 246 -25.61 -14.50 0.88
#